data_8AN5
#
_entry.id   8AN5
#
_cell.length_a   45.868
_cell.length_b   81.725
_cell.length_c   64.826
_cell.angle_alpha   90.000
_cell.angle_beta   107.779
_cell.angle_gamma   90.000
#
_symmetry.space_group_name_H-M   'P 1 21 1'
#
loop_
_entity.id
_entity.type
_entity.pdbx_description
1 polymer 'Bacterial toxin'
2 polymer 'Conserved protein'
3 water water
#
loop_
_entity_poly.entity_id
_entity_poly.type
_entity_poly.pdbx_seq_one_letter_code
_entity_poly.pdbx_strand_id
1 'polypeptide(L)'
;NAVESTLRRVAKDLTGLRQRWALVGGFAVSARSEPRFTRDVDIVVAVANDDAAESLVRQLLTQQYHLLASVEQDAARRLA
AVRLGATADTAANVVVDLLFASCGIEPEIAEAAEEIEILPDLVAPVATTAHLIAMKLLARDDDRRPQDRSDLRALVDAAS
PQDIQDARKAIELITLRGFHRDRDLAAEWTRLAAKW
;
A,B
2 'polypeptide(L)' AVSVAAQKLRLALDMYEVGEQMQRMRLGRERPNADVVEIEAAIDAWRMTRPGAEEGDSAGPTSTRFT C
#
# COMPACT_ATOMS: atom_id res chain seq x y z
N ASN A 1 3.89 -5.03 17.30
CA ASN A 1 3.68 -4.54 15.93
C ASN A 1 5.01 -4.09 15.34
N ALA A 2 5.45 -4.80 14.29
CA ALA A 2 6.81 -4.62 13.78
C ALA A 2 6.95 -3.30 13.04
N VAL A 3 5.88 -2.83 12.41
CA VAL A 3 5.91 -1.54 11.75
C VAL A 3 6.04 -0.42 12.77
N GLU A 4 5.20 -0.43 13.78
CA GLU A 4 5.19 0.58 14.84
C GLU A 4 6.52 0.58 15.59
N SER A 5 7.04 -0.58 15.90
CA SER A 5 8.28 -0.76 16.64
C SER A 5 9.44 -0.09 15.89
N THR A 6 9.50 -0.29 14.58
CA THR A 6 10.58 0.27 13.79
C THR A 6 10.47 1.78 13.64
N LEU A 7 9.25 2.28 13.37
CA LEU A 7 9.03 3.72 13.29
C LEU A 7 9.44 4.39 14.60
N ARG A 8 9.01 3.85 15.73
CA ARG A 8 9.34 4.48 17.00
C ARG A 8 10.85 4.48 17.24
N ARG A 9 11.50 3.37 16.89
CA ARG A 9 12.93 3.22 17.14
C ARG A 9 13.76 4.15 16.28
N VAL A 10 13.47 4.19 14.96
CA VAL A 10 14.29 5.03 14.08
C VAL A 10 14.09 6.50 14.42
N ALA A 11 12.86 6.89 14.79
CA ALA A 11 12.61 8.28 15.19
C ALA A 11 13.42 8.62 16.44
N LYS A 12 13.40 7.72 17.42
CA LYS A 12 14.15 7.94 18.65
C LYS A 12 15.64 8.00 18.36
N ASP A 13 16.13 7.11 17.48
CA ASP A 13 17.56 7.05 17.22
C ASP A 13 18.07 8.30 16.49
N LEU A 14 17.36 8.71 15.43
CA LEU A 14 17.80 9.89 14.69
C LEU A 14 17.70 11.16 15.52
N THR A 15 16.65 11.28 16.35
CA THR A 15 16.53 12.43 17.23
C THR A 15 17.59 12.40 18.31
N GLY A 16 17.89 11.21 18.86
CA GLY A 16 18.96 11.10 19.85
C GLY A 16 20.33 11.48 19.31
N LEU A 17 20.57 11.20 18.02
CA LEU A 17 21.78 11.63 17.32
C LEU A 17 21.71 13.06 16.81
N ARG A 18 20.63 13.78 17.13
CA ARG A 18 20.50 15.20 16.81
C ARG A 18 20.66 15.46 15.32
N GLN A 19 20.04 14.60 14.51
CA GLN A 19 20.07 14.75 13.08
C GLN A 19 18.95 15.67 12.61
N ARG A 20 19.18 16.28 11.46
CA ARG A 20 18.21 17.12 10.77
C ARG A 20 17.48 16.22 9.78
N TRP A 21 16.33 15.71 10.18
CA TRP A 21 15.68 14.66 9.44
C TRP A 21 14.21 14.95 9.24
N ALA A 22 13.62 14.20 8.31
CA ALA A 22 12.19 14.33 8.06
C ALA A 22 11.65 13.04 7.45
N LEU A 23 10.49 12.60 7.93
CA LEU A 23 9.79 11.51 7.32
C LEU A 23 9.29 11.95 5.93
N VAL A 24 9.50 11.08 4.94
CA VAL A 24 9.03 11.29 3.59
C VAL A 24 8.30 10.06 3.09
N GLY A 25 8.03 10.01 1.79
CA GLY A 25 7.47 8.79 1.21
C GLY A 25 6.10 8.44 1.76
N GLY A 26 5.76 7.15 1.70
CA GLY A 26 4.40 6.74 2.02
C GLY A 26 3.98 7.06 3.45
N PHE A 27 4.89 6.89 4.40
CA PHE A 27 4.52 7.18 5.78
C PHE A 27 4.24 8.65 5.99
N ALA A 28 4.99 9.55 5.32
CA ALA A 28 4.68 10.97 5.40
C ALA A 28 3.35 11.28 4.73
N VAL A 29 3.13 10.74 3.54
CA VAL A 29 1.85 10.92 2.86
C VAL A 29 0.71 10.47 3.77
N SER A 30 0.92 9.38 4.48
CA SER A 30 -0.11 8.78 5.34
C SER A 30 -0.39 9.61 6.58
N ALA A 31 0.51 10.53 6.93
CA ALA A 31 0.26 11.46 8.02
C ALA A 31 -0.60 12.63 7.60
N ARG A 32 -0.75 12.85 6.29
CA ARG A 32 -1.42 14.00 5.74
C ARG A 32 -2.63 13.63 4.89
N SER A 33 -2.84 12.34 4.61
CA SER A 33 -3.93 11.88 3.74
C SER A 33 -4.19 10.40 4.03
N GLU A 34 -5.11 9.80 3.28
CA GLU A 34 -5.44 8.40 3.52
C GLU A 34 -4.17 7.56 3.52
N PRO A 35 -4.03 6.62 4.45
CA PRO A 35 -2.79 5.83 4.49
C PRO A 35 -2.56 5.04 3.21
N ARG A 36 -1.29 5.02 2.79
CA ARG A 36 -0.79 4.26 1.65
C ARG A 36 0.70 4.13 1.93
N PHE A 37 1.18 2.91 2.18
CA PHE A 37 2.58 2.68 2.49
C PHE A 37 2.92 1.22 2.32
N THR A 38 4.23 0.96 2.24
CA THR A 38 4.82 -0.37 2.11
C THR A 38 5.80 -0.56 3.27
N ARG A 39 6.62 -1.63 3.31
CA ARG A 39 7.61 -1.89 4.39
C ARG A 39 8.75 -0.85 4.42
N ASP A 40 8.92 0.01 3.41
CA ASP A 40 9.99 1.00 3.40
C ASP A 40 9.55 2.24 4.18
N VAL A 41 10.30 2.53 5.24
CA VAL A 41 10.18 3.78 5.97
C VAL A 41 11.22 4.70 5.37
N ASP A 42 10.79 5.74 4.65
CA ASP A 42 11.70 6.63 3.95
C ASP A 42 11.91 7.91 4.74
N ILE A 43 13.17 8.28 4.93
CA ILE A 43 13.53 9.44 5.75
C ILE A 43 14.63 10.22 5.06
N VAL A 44 14.41 11.52 4.90
CA VAL A 44 15.44 12.44 4.45
C VAL A 44 16.30 12.82 5.64
N VAL A 45 17.62 12.77 5.47
CA VAL A 45 18.54 13.30 6.47
C VAL A 45 19.43 14.33 5.78
N ALA A 46 19.42 15.54 6.30
CA ALA A 46 20.25 16.61 5.77
C ALA A 46 21.59 16.55 6.48
N VAL A 47 22.63 16.21 5.72
CA VAL A 47 23.98 16.16 6.26
C VAL A 47 24.88 17.03 5.41
N ALA A 48 26.04 17.34 5.97
CA ALA A 48 26.90 18.35 5.36
C ALA A 48 27.52 17.87 4.05
N ASN A 49 27.83 16.58 3.97
CA ASN A 49 28.64 16.02 2.89
C ASN A 49 28.64 14.50 3.03
N ASP A 50 29.28 13.83 2.06
CA ASP A 50 29.28 12.37 2.06
C ASP A 50 29.96 11.83 3.33
N ASP A 51 31.02 12.49 3.78
CA ASP A 51 31.68 12.04 5.00
C ASP A 51 30.69 12.02 6.16
N ALA A 52 29.88 13.08 6.30
CA ALA A 52 28.89 13.14 7.38
C ALA A 52 27.83 12.08 7.23
N ALA A 53 27.38 11.82 5.99
CA ALA A 53 26.42 10.75 5.77
C ALA A 53 27.00 9.41 6.21
N GLU A 54 28.24 9.10 5.78
CA GLU A 54 28.84 7.82 6.10
C GLU A 54 29.06 7.71 7.60
N SER A 55 29.41 8.80 8.26
CA SER A 55 29.60 8.77 9.70
C SER A 55 28.30 8.45 10.41
N LEU A 56 27.17 9.01 9.94
CA LEU A 56 25.90 8.66 10.55
C LEU A 56 25.58 7.19 10.35
N VAL A 57 25.74 6.68 9.11
CA VAL A 57 25.45 5.26 8.87
C VAL A 57 26.33 4.37 9.74
N ARG A 58 27.63 4.68 9.82
CA ARG A 58 28.52 3.89 10.67
C ARG A 58 28.01 3.89 12.10
N GLN A 59 27.51 5.02 12.57
CA GLN A 59 26.99 5.09 13.92
C GLN A 59 25.76 4.20 14.07
N LEU A 60 24.88 4.25 13.09
CA LEU A 60 23.69 3.40 13.17
C LEU A 60 24.04 1.92 13.09
N LEU A 61 25.12 1.56 12.38
CA LEU A 61 25.51 0.15 12.37
C LEU A 61 25.92 -0.35 13.76
N THR A 62 26.33 0.55 14.66
CA THR A 62 26.59 0.13 16.03
C THR A 62 25.33 0.13 16.90
N GLN A 63 24.17 0.51 16.34
CA GLN A 63 22.91 0.57 17.04
C GLN A 63 21.91 -0.45 16.48
N GLN A 64 22.42 -1.59 16.03
CA GLN A 64 21.60 -2.73 15.62
C GLN A 64 20.91 -2.52 14.28
N TYR A 65 21.42 -1.62 13.45
CA TYR A 65 21.00 -1.54 12.06
C TYR A 65 22.02 -2.27 11.21
N HIS A 66 21.54 -2.80 10.08
N HIS A 66 21.56 -2.86 10.11
CA HIS A 66 22.35 -3.56 9.13
CA HIS A 66 22.49 -3.47 9.19
C HIS A 66 22.21 -2.86 7.78
C HIS A 66 22.25 -2.94 7.78
N LEU A 67 23.32 -2.71 7.08
CA LEU A 67 23.29 -2.06 5.78
C LEU A 67 22.91 -3.08 4.71
N LEU A 68 21.83 -2.79 3.97
CA LEU A 68 21.38 -3.64 2.88
C LEU A 68 21.82 -3.17 1.51
N ALA A 69 21.92 -1.86 1.30
CA ALA A 69 22.27 -1.33 -0.02
C ALA A 69 22.69 0.12 0.14
N SER A 70 23.52 0.56 -0.80
CA SER A 70 23.92 1.95 -0.91
C SER A 70 23.68 2.38 -2.34
N VAL A 71 23.08 3.57 -2.50
CA VAL A 71 22.79 4.14 -3.81
C VAL A 71 23.78 5.26 -4.04
N GLU A 72 24.61 5.13 -5.08
CA GLU A 72 25.64 6.11 -5.39
C GLU A 72 25.38 6.71 -6.76
N GLN A 73 26.00 7.86 -7.00
CA GLN A 73 25.81 8.57 -8.25
C GLN A 73 27.09 9.31 -8.58
N ASP A 74 27.28 9.57 -9.87
CA ASP A 74 28.38 10.41 -10.33
C ASP A 74 27.99 11.86 -10.07
N ALA A 75 28.28 12.32 -8.85
CA ALA A 75 28.02 13.69 -8.43
C ALA A 75 28.93 13.98 -7.24
N ALA A 76 29.00 15.26 -6.86
CA ALA A 76 29.86 15.64 -5.73
C ALA A 76 29.33 15.06 -4.43
N ARG A 77 28.01 14.99 -4.29
CA ARG A 77 27.37 14.17 -3.28
C ARG A 77 27.25 12.78 -3.88
N ARG A 78 28.24 11.93 -3.56
CA ARG A 78 28.29 10.60 -4.16
C ARG A 78 27.25 9.68 -3.55
N LEU A 79 26.94 9.84 -2.26
CA LEU A 79 26.06 8.91 -1.58
C LEU A 79 24.64 9.46 -1.58
N ALA A 80 23.79 8.92 -2.44
CA ALA A 80 22.43 9.41 -2.53
C ALA A 80 21.59 8.91 -1.36
N ALA A 81 21.76 7.65 -0.99
CA ALA A 81 20.86 7.01 -0.04
C ALA A 81 21.46 5.69 0.43
N VAL A 82 20.99 5.20 1.58
CA VAL A 82 21.25 3.85 2.05
C VAL A 82 19.93 3.20 2.46
N ARG A 83 19.93 1.87 2.43
CA ARG A 83 18.80 1.00 2.83
C ARG A 83 19.31 0.25 4.07
N LEU A 84 18.64 0.37 5.22
CA LEU A 84 19.01 -0.29 6.46
C LEU A 84 17.92 -1.28 6.83
N GLY A 85 18.32 -2.47 7.21
CA GLY A 85 17.43 -3.40 7.85
C GLY A 85 17.50 -3.16 9.36
N ALA A 86 16.34 -3.21 9.99
CA ALA A 86 16.28 -3.09 11.43
C ALA A 86 16.22 -4.44 12.10
N THR A 87 16.06 -5.52 11.32
CA THR A 87 15.96 -6.90 11.78
C THR A 87 16.73 -7.79 10.80
N ALA A 88 16.60 -9.11 10.95
CA ALA A 88 17.28 -10.08 10.09
C ALA A 88 16.71 -10.05 8.67
N ALA A 91 12.01 -10.93 3.14
CA ALA A 91 11.20 -9.94 2.43
C ALA A 91 9.96 -9.53 3.22
N ALA A 92 9.88 -9.92 4.49
CA ALA A 92 8.78 -9.55 5.37
C ALA A 92 9.28 -8.66 6.49
N ASN A 93 10.29 -7.85 6.19
CA ASN A 93 11.03 -7.05 7.14
C ASN A 93 10.72 -5.60 6.86
N VAL A 94 10.45 -4.82 7.89
CA VAL A 94 10.42 -3.37 7.76
C VAL A 94 11.84 -2.84 7.57
N VAL A 95 12.03 -1.94 6.59
CA VAL A 95 13.35 -1.38 6.28
C VAL A 95 13.28 0.13 6.30
N VAL A 96 14.44 0.75 6.48
CA VAL A 96 14.60 2.19 6.54
C VAL A 96 15.49 2.63 5.39
N ASP A 97 14.98 3.52 4.56
CA ASP A 97 15.76 4.21 3.53
C ASP A 97 16.09 5.60 4.07
N LEU A 98 17.37 5.91 4.15
CA LEU A 98 17.84 7.24 4.46
C LEU A 98 18.29 7.90 3.17
N LEU A 99 17.72 9.05 2.89
CA LEU A 99 17.95 9.80 1.65
C LEU A 99 18.77 11.03 2.00
N PHE A 100 20.01 11.06 1.52
CA PHE A 100 20.95 12.16 1.77
C PHE A 100 21.08 13.11 0.60
N ALA A 101 21.05 12.59 -0.62
CA ALA A 101 21.26 13.44 -1.79
C ALA A 101 20.52 12.87 -2.96
N SER A 102 19.29 12.43 -2.72
CA SER A 102 18.45 11.86 -3.75
C SER A 102 17.76 12.93 -4.58
N CYS A 103 17.32 14.01 -3.93
CA CYS A 103 16.62 15.05 -4.65
C CYS A 103 17.28 16.41 -4.63
N GLY A 104 18.32 16.61 -3.80
CA GLY A 104 19.08 17.83 -3.81
C GLY A 104 18.54 18.96 -2.95
N ILE A 105 17.40 18.78 -2.29
CA ILE A 105 16.85 19.82 -1.43
C ILE A 105 16.64 19.25 -0.04
N GLU A 106 17.43 18.24 0.32
CA GLU A 106 17.34 17.66 1.66
C GLU A 106 17.49 18.68 2.77
N PRO A 107 18.41 19.66 2.71
CA PRO A 107 18.45 20.64 3.81
C PRO A 107 17.15 21.40 3.95
N GLU A 108 16.57 21.81 2.82
CA GLU A 108 15.30 22.52 2.86
C GLU A 108 14.18 21.66 3.40
N ILE A 109 14.16 20.39 3.01
CA ILE A 109 13.12 19.47 3.48
C ILE A 109 13.18 19.34 5.00
N ALA A 110 14.37 19.12 5.53
CA ALA A 110 14.46 18.97 6.99
C ALA A 110 14.10 20.27 7.70
N GLU A 111 14.53 21.41 7.15
CA GLU A 111 14.25 22.67 7.82
C GLU A 111 12.76 22.99 7.85
N ALA A 112 12.02 22.66 6.78
CA ALA A 112 10.60 22.98 6.67
C ALA A 112 9.70 21.93 7.29
N ALA A 113 10.26 20.80 7.68
CA ALA A 113 9.44 19.71 8.17
C ALA A 113 8.66 20.12 9.41
N GLU A 114 7.48 19.54 9.53
CA GLU A 114 6.52 19.85 10.59
C GLU A 114 6.48 18.73 11.59
N GLU A 115 6.59 19.07 12.87
CA GLU A 115 6.45 18.04 13.90
C GLU A 115 4.97 17.65 14.03
N ILE A 116 4.70 16.36 13.81
CA ILE A 116 3.35 15.81 13.83
C ILE A 116 3.37 14.58 14.70
N GLU A 117 2.35 14.44 15.55
CA GLU A 117 2.18 13.21 16.35
C GLU A 117 1.54 12.18 15.42
N ILE A 118 2.38 11.41 14.74
CA ILE A 118 1.89 10.55 13.66
C ILE A 118 1.20 9.30 14.22
N LEU A 119 1.67 8.84 15.39
CA LEU A 119 1.08 7.78 16.18
C LEU A 119 1.08 8.29 17.61
N PRO A 120 0.29 7.71 18.50
CA PRO A 120 0.31 8.18 19.90
C PRO A 120 1.71 8.27 20.49
N ASP A 121 2.05 9.47 20.95
CA ASP A 121 3.34 9.76 21.59
C ASP A 121 4.52 9.57 20.66
N LEU A 122 4.27 9.56 19.36
CA LEU A 122 5.36 9.48 18.39
C LEU A 122 5.30 10.80 17.59
N VAL A 123 6.07 11.79 18.02
CA VAL A 123 6.15 13.07 17.32
C VAL A 123 7.38 13.03 16.44
N ALA A 124 7.17 13.20 15.13
CA ALA A 124 8.24 13.13 14.16
C ALA A 124 8.13 14.31 13.21
N PRO A 125 9.27 14.84 12.76
CA PRO A 125 9.24 15.81 11.67
C PRO A 125 8.79 15.14 10.39
N VAL A 126 7.77 15.71 9.77
CA VAL A 126 7.16 15.18 8.55
C VAL A 126 7.33 16.22 7.46
N ALA A 127 7.89 15.80 6.34
CA ALA A 127 8.06 16.74 5.23
C ALA A 127 6.72 17.39 4.86
N THR A 128 6.80 18.66 4.43
CA THR A 128 5.63 19.39 3.98
C THR A 128 5.02 18.70 2.74
N THR A 129 3.72 18.94 2.56
CA THR A 129 3.05 18.48 1.35
C THR A 129 3.77 18.98 0.10
N ALA A 130 4.22 20.22 0.13
CA ALA A 130 4.93 20.78 -1.01
C ALA A 130 6.17 19.97 -1.34
N HIS A 131 6.98 19.63 -0.33
CA HIS A 131 8.18 18.85 -0.60
C HIS A 131 7.87 17.41 -0.99
N LEU A 132 6.81 16.81 -0.43
CA LEU A 132 6.38 15.49 -0.87
C LEU A 132 5.96 15.50 -2.34
N ILE A 133 5.25 16.54 -2.79
CA ILE A 133 4.90 16.65 -4.21
C ILE A 133 6.17 16.71 -5.07
N ALA A 134 7.11 17.61 -4.72
CA ALA A 134 8.33 17.73 -5.49
C ALA A 134 9.08 16.41 -5.52
N MET A 135 9.18 15.70 -4.40
CA MET A 135 9.93 14.43 -4.39
C MET A 135 9.22 13.37 -5.23
N LYS A 136 7.91 13.33 -5.20
CA LYS A 136 7.15 12.31 -5.93
C LYS A 136 7.21 12.61 -7.43
N LEU A 137 7.15 13.87 -7.82
CA LEU A 137 7.35 14.15 -9.24
C LEU A 137 8.71 13.64 -9.71
N LEU A 138 9.76 13.91 -8.92
CA LEU A 138 11.10 13.51 -9.33
C LEU A 138 11.26 12.00 -9.37
N ALA A 139 10.70 11.29 -8.40
CA ALA A 139 10.90 9.86 -8.29
C ALA A 139 10.00 9.10 -9.25
N ARG A 140 9.05 9.78 -9.84
CA ARG A 140 7.92 9.17 -10.54
C ARG A 140 8.45 8.22 -11.61
N ASP A 141 8.00 6.98 -11.59
CA ASP A 141 8.34 5.99 -12.62
C ASP A 141 7.08 5.16 -12.75
N ASP A 142 6.23 5.50 -13.73
CA ASP A 142 4.93 4.86 -13.86
C ASP A 142 5.06 3.37 -14.13
N ASP A 143 6.18 2.96 -14.73
CA ASP A 143 6.40 1.53 -14.98
C ASP A 143 6.68 0.79 -13.68
N ARG A 144 7.74 1.19 -12.97
CA ARG A 144 8.22 0.43 -11.81
C ARG A 144 7.67 0.93 -10.48
N ARG A 145 7.18 2.16 -10.40
CA ARG A 145 6.65 2.74 -9.17
C ARG A 145 5.35 3.48 -9.43
N PRO A 146 4.26 2.74 -9.68
CA PRO A 146 2.96 3.42 -9.87
C PRO A 146 2.41 4.10 -8.62
N GLN A 147 2.89 3.74 -7.43
CA GLN A 147 2.39 4.39 -6.21
C GLN A 147 2.73 5.88 -6.15
N ASP A 148 3.69 6.32 -6.99
CA ASP A 148 4.27 7.68 -6.95
C ASP A 148 3.27 8.64 -7.57
N ARG A 149 2.67 8.17 -8.66
CA ARG A 149 1.65 8.89 -9.44
C ARG A 149 0.33 8.91 -8.64
N SER A 150 0.02 7.87 -7.87
CA SER A 150 -1.23 7.80 -7.08
C SER A 150 -1.04 8.62 -5.80
N ASP A 151 0.12 8.50 -5.19
CA ASP A 151 0.48 9.42 -4.10
C ASP A 151 0.38 10.86 -4.57
N LEU A 152 0.71 11.12 -5.83
CA LEU A 152 0.73 12.51 -6.36
C LEU A 152 -0.67 13.10 -6.41
N ARG A 153 -1.62 12.33 -6.93
CA ARG A 153 -3.03 12.75 -7.03
C ARG A 153 -3.49 13.13 -5.63
N ALA A 154 -3.21 12.27 -4.64
CA ALA A 154 -3.68 12.43 -3.27
C ALA A 154 -3.04 13.65 -2.64
N LEU A 155 -1.74 13.87 -2.90
CA LEU A 155 -1.05 15.01 -2.31
C LEU A 155 -1.55 16.31 -2.90
N VAL A 156 -1.70 16.37 -4.23
CA VAL A 156 -2.14 17.60 -4.86
C VAL A 156 -3.56 17.93 -4.41
N ASP A 157 -4.40 16.91 -4.21
CA ASP A 157 -5.74 17.17 -3.72
C ASP A 157 -5.71 17.64 -2.27
N ALA A 158 -4.78 17.10 -1.46
CA ALA A 158 -4.64 17.56 -0.08
C ALA A 158 -3.96 18.92 0.02
N ALA A 159 -3.47 19.49 -1.07
CA ALA A 159 -2.57 20.63 -0.99
C ALA A 159 -3.35 21.93 -0.87
N SER A 160 -2.89 22.78 0.05
CA SER A 160 -3.36 24.16 0.15
C SER A 160 -2.72 25.00 -0.94
N PRO A 161 -3.22 26.23 -1.15
CA PRO A 161 -2.53 27.13 -2.08
C PRO A 161 -1.07 27.33 -1.74
N GLN A 162 -0.74 27.47 -0.43
CA GLN A 162 0.65 27.60 -0.02
C GLN A 162 1.44 26.38 -0.44
N ASP A 163 0.85 25.18 -0.27
CA ASP A 163 1.55 23.96 -0.62
C ASP A 163 1.88 23.96 -2.11
N ILE A 164 0.95 24.41 -2.94
CA ILE A 164 1.17 24.40 -4.39
C ILE A 164 2.28 25.37 -4.76
N GLN A 165 2.22 26.58 -4.22
CA GLN A 165 3.28 27.55 -4.45
C GLN A 165 4.64 27.02 -4.00
N ASP A 166 4.70 26.41 -2.82
CA ASP A 166 5.99 25.92 -2.32
C ASP A 166 6.47 24.70 -3.09
N ALA A 167 5.56 23.88 -3.61
CA ALA A 167 5.98 22.77 -4.47
C ALA A 167 6.65 23.30 -5.73
N ARG A 168 6.06 24.33 -6.35
CA ARG A 168 6.68 24.93 -7.54
C ARG A 168 8.06 25.46 -7.22
N LYS A 169 8.21 26.12 -6.06
CA LYS A 169 9.50 26.65 -5.64
C LYS A 169 10.49 25.51 -5.37
N ALA A 170 10.01 24.41 -4.79
CA ALA A 170 10.91 23.30 -4.51
C ALA A 170 11.43 22.68 -5.80
N ILE A 171 10.54 22.54 -6.80
CA ILE A 171 10.94 22.00 -8.09
C ILE A 171 11.98 22.91 -8.72
N GLU A 172 11.77 24.22 -8.60
CA GLU A 172 12.71 25.14 -9.18
C GLU A 172 14.09 25.01 -8.54
N LEU A 173 14.13 24.79 -7.22
CA LEU A 173 15.42 24.68 -6.54
C LEU A 173 16.11 23.36 -6.87
N ILE A 174 15.35 22.26 -6.92
CA ILE A 174 15.90 21.00 -7.42
C ILE A 174 16.58 21.21 -8.76
N THR A 175 15.86 21.88 -9.67
CA THR A 175 16.35 22.10 -11.03
C THR A 175 17.56 23.02 -11.04
N LEU A 176 17.54 24.10 -10.29
CA LEU A 176 18.69 25.04 -10.21
C LEU A 176 19.93 24.29 -9.78
N ARG A 177 19.78 23.39 -8.83
CA ARG A 177 20.87 22.56 -8.32
C ARG A 177 21.18 21.42 -9.28
N GLY A 178 20.39 21.20 -10.34
CA GLY A 178 20.87 20.16 -11.25
C GLY A 178 20.48 18.75 -10.88
N PHE A 179 19.54 18.59 -9.95
CA PHE A 179 19.06 17.29 -9.48
C PHE A 179 17.82 16.83 -10.20
N HIS A 180 17.42 17.51 -11.27
CA HIS A 180 16.17 17.20 -11.97
C HIS A 180 16.31 16.12 -13.04
N ARG A 181 17.49 15.52 -13.17
CA ARG A 181 17.64 14.37 -14.05
C ARG A 181 17.21 14.71 -15.47
N ASP A 182 17.52 15.95 -15.89
CA ASP A 182 17.26 16.46 -17.23
C ASP A 182 15.79 16.47 -17.61
N ARG A 183 14.90 16.59 -16.62
CA ARG A 183 13.47 16.59 -16.86
C ARG A 183 12.84 17.89 -16.41
N ASP A 184 11.70 18.22 -17.01
CA ASP A 184 10.91 19.40 -16.68
C ASP A 184 9.80 18.94 -15.74
N LEU A 185 10.08 18.97 -14.44
CA LEU A 185 9.14 18.41 -13.47
C LEU A 185 7.83 19.18 -13.45
N ALA A 186 7.89 20.51 -13.62
CA ALA A 186 6.68 21.32 -13.60
C ALA A 186 5.81 20.99 -14.80
N ALA A 187 6.42 20.77 -15.96
CA ALA A 187 5.66 20.41 -17.14
C ALA A 187 5.07 19.02 -16.99
N GLU A 188 5.83 18.10 -16.40
CA GLU A 188 5.28 16.77 -16.14
C GLU A 188 4.07 16.86 -15.24
N TRP A 189 4.16 17.67 -14.19
CA TRP A 189 3.03 17.87 -13.29
C TRP A 189 1.82 18.38 -14.05
N THR A 190 2.01 19.44 -14.85
CA THR A 190 0.89 19.98 -15.61
C THR A 190 0.24 18.92 -16.47
N ARG A 191 1.02 18.11 -17.16
CA ARG A 191 0.47 17.07 -18.05
C ARG A 191 -0.27 16.01 -17.21
N LEU A 192 0.26 15.64 -16.08
CA LEU A 192 -0.39 14.62 -15.24
C LEU A 192 -1.69 15.19 -14.67
N ALA A 193 -1.68 16.40 -14.21
CA ALA A 193 -2.83 17.00 -13.55
C ALA A 193 -3.95 17.32 -14.53
N ALA A 194 -3.61 17.50 -15.81
CA ALA A 194 -4.65 17.63 -16.83
C ALA A 194 -5.48 16.36 -16.91
N LYS A 195 -4.85 15.20 -16.68
CA LYS A 195 -5.53 13.91 -16.72
C LYS A 195 -6.28 13.61 -15.41
N TRP A 196 -6.36 14.58 -14.50
CA TRP A 196 -7.14 14.47 -13.26
C TRP A 196 -8.55 15.05 -13.38
N ASN B 1 -6.86 -5.64 16.50
CA ASN B 1 -6.65 -5.37 15.06
C ASN B 1 -7.95 -5.73 14.36
N ALA B 2 -8.63 -4.70 13.81
CA ALA B 2 -9.96 -4.90 13.27
C ALA B 2 -9.95 -5.82 12.05
N VAL B 3 -8.90 -5.72 11.23
CA VAL B 3 -8.83 -6.56 10.05
C VAL B 3 -8.57 -8.01 10.46
N GLU B 4 -7.67 -8.21 11.43
CA GLU B 4 -7.40 -9.58 11.85
C GLU B 4 -8.69 -10.20 12.36
N SER B 5 -9.46 -9.44 13.14
CA SER B 5 -10.72 -9.97 13.66
C SER B 5 -11.67 -10.33 12.54
N THR B 6 -11.75 -9.47 11.53
CA THR B 6 -12.65 -9.70 10.41
C THR B 6 -12.20 -10.93 9.63
N LEU B 7 -10.90 -11.04 9.34
CA LEU B 7 -10.39 -12.22 8.64
C LEU B 7 -10.72 -13.49 9.39
N ARG B 8 -10.46 -13.51 10.71
CA ARG B 8 -10.73 -14.71 11.50
C ARG B 8 -12.19 -15.09 11.42
N ARG B 9 -13.07 -14.12 11.55
CA ARG B 9 -14.51 -14.40 11.61
C ARG B 9 -15.03 -14.85 10.27
N VAL B 10 -14.65 -14.16 9.19
CA VAL B 10 -15.16 -14.55 7.90
C VAL B 10 -14.59 -15.91 7.47
N ALA B 11 -13.33 -16.20 7.86
CA ALA B 11 -12.76 -17.50 7.54
C ALA B 11 -13.54 -18.61 8.23
N LYS B 12 -13.83 -18.44 9.52
CA LYS B 12 -14.61 -19.43 10.24
C LYS B 12 -16.01 -19.56 9.65
N ASP B 13 -16.60 -18.43 9.25
CA ASP B 13 -17.99 -18.49 8.76
C ASP B 13 -18.05 -19.18 7.39
N LEU B 14 -17.16 -18.79 6.48
CA LEU B 14 -17.17 -19.42 5.17
C LEU B 14 -16.83 -20.89 5.26
N THR B 15 -15.89 -21.25 6.14
CA THR B 15 -15.55 -22.66 6.35
C THR B 15 -16.70 -23.43 6.97
N GLY B 16 -17.38 -22.83 7.97
CA GLY B 16 -18.53 -23.51 8.56
C GLY B 16 -19.63 -23.77 7.55
N LEU B 17 -19.72 -22.93 6.51
CA LEU B 17 -20.67 -23.10 5.43
C LEU B 17 -20.10 -23.92 4.29
N ARG B 18 -18.97 -24.60 4.54
CA ARG B 18 -18.23 -25.43 3.54
C ARG B 18 -18.18 -24.73 2.18
N GLN B 19 -17.84 -23.43 2.12
CA GLN B 19 -17.74 -22.72 0.86
C GLN B 19 -16.36 -22.90 0.24
N ARG B 20 -16.31 -22.75 -1.08
CA ARG B 20 -15.07 -22.79 -1.86
C ARG B 20 -14.63 -21.34 -2.03
N TRP B 21 -13.59 -20.94 -1.31
CA TRP B 21 -13.26 -19.53 -1.19
C TRP B 21 -11.75 -19.32 -1.14
N ALA B 22 -11.34 -18.07 -1.42
CA ALA B 22 -9.94 -17.72 -1.33
C ALA B 22 -9.78 -16.25 -1.05
N LEU B 23 -8.79 -15.93 -0.23
CA LEU B 23 -8.40 -14.56 -0.02
C LEU B 23 -7.74 -14.00 -1.28
N VAL B 24 -8.20 -12.85 -1.71
CA VAL B 24 -7.62 -12.13 -2.84
C VAL B 24 -7.32 -10.72 -2.36
N GLY B 25 -7.24 -9.78 -3.28
CA GLY B 25 -6.99 -8.41 -2.81
C GLY B 25 -5.66 -8.14 -2.10
N GLY B 26 -5.61 -7.04 -1.36
CA GLY B 26 -4.34 -6.51 -0.85
C GLY B 26 -3.64 -7.45 0.11
N PHE B 27 -4.38 -8.23 0.90
CA PHE B 27 -3.71 -9.15 1.82
C PHE B 27 -3.13 -10.34 1.08
N ALA B 28 -3.84 -10.83 0.05
CA ALA B 28 -3.25 -11.87 -0.80
C ALA B 28 -2.07 -11.33 -1.60
N VAL B 29 -2.17 -10.10 -2.12
CA VAL B 29 -1.04 -9.50 -2.83
C VAL B 29 0.17 -9.41 -1.90
N SER B 30 -0.06 -8.96 -0.67
CA SER B 30 1.01 -8.86 0.31
C SER B 30 1.67 -10.21 0.56
N ALA B 31 0.85 -11.26 0.66
CA ALA B 31 1.37 -12.60 0.90
C ALA B 31 2.25 -13.08 -0.24
N ARG B 32 1.87 -12.76 -1.47
CA ARG B 32 2.57 -13.29 -2.63
C ARG B 32 3.71 -12.42 -3.15
N SER B 33 3.84 -11.19 -2.67
CA SER B 33 4.79 -10.26 -3.25
C SER B 33 5.31 -9.30 -2.18
N GLU B 34 4.83 -8.07 -2.16
CA GLU B 34 5.34 -7.10 -1.18
C GLU B 34 4.21 -6.62 -0.31
N PRO B 35 4.31 -6.72 1.01
CA PRO B 35 3.22 -6.22 1.87
C PRO B 35 3.00 -4.73 1.75
N ARG B 36 1.73 -4.33 1.85
CA ARG B 36 1.33 -2.95 1.77
C ARG B 36 0.15 -2.72 2.70
N PHE B 37 -0.01 -1.46 3.12
CA PHE B 37 -1.20 -1.07 3.86
C PHE B 37 -2.44 -1.44 3.04
N THR B 38 -3.33 -2.21 3.65
CA THR B 38 -4.56 -2.68 3.03
C THR B 38 -5.66 -2.58 4.08
N ARG B 39 -6.85 -2.15 3.71
CA ARG B 39 -7.93 -2.18 4.69
C ARG B 39 -9.13 -2.97 4.27
N ASP B 40 -9.29 -3.28 3.00
CA ASP B 40 -10.39 -4.12 2.55
C ASP B 40 -9.94 -5.57 2.61
N VAL B 41 -10.84 -6.44 3.04
CA VAL B 41 -10.67 -7.87 2.95
C VAL B 41 -11.51 -8.29 1.76
N ASP B 42 -10.87 -8.85 0.73
CA ASP B 42 -11.56 -9.28 -0.48
C ASP B 42 -11.42 -10.79 -0.61
N ILE B 43 -12.55 -11.47 -0.88
CA ILE B 43 -12.59 -12.92 -0.93
C ILE B 43 -13.38 -13.36 -2.15
N VAL B 44 -12.80 -14.25 -2.93
CA VAL B 44 -13.53 -14.91 -4.02
C VAL B 44 -14.31 -16.08 -3.42
N VAL B 45 -15.56 -16.26 -3.85
CA VAL B 45 -16.37 -17.41 -3.45
C VAL B 45 -16.91 -18.03 -4.73
N ALA B 46 -16.61 -19.30 -4.95
CA ALA B 46 -17.09 -20.01 -6.12
C ALA B 46 -18.46 -20.61 -5.84
N VAL B 47 -19.47 -20.16 -6.57
CA VAL B 47 -20.81 -20.71 -6.52
C VAL B 47 -21.31 -20.82 -7.95
N ALA B 48 -22.38 -21.60 -8.13
CA ALA B 48 -22.78 -21.97 -9.48
C ALA B 48 -23.55 -20.88 -10.20
N ASN B 49 -24.27 -20.04 -9.49
CA ASN B 49 -25.18 -19.10 -10.14
C ASN B 49 -25.62 -18.07 -9.12
N ASP B 50 -26.38 -17.09 -9.61
CA ASP B 50 -26.85 -16.01 -8.76
C ASP B 50 -27.70 -16.55 -7.59
N ASP B 51 -28.54 -17.54 -7.85
CA ASP B 51 -29.37 -18.07 -6.75
C ASP B 51 -28.50 -18.58 -5.60
N ALA B 52 -27.38 -19.25 -5.93
CA ALA B 52 -26.52 -19.78 -4.89
C ALA B 52 -25.79 -18.66 -4.17
N ALA B 53 -25.30 -17.67 -4.92
CA ALA B 53 -24.68 -16.50 -4.31
C ALA B 53 -25.66 -15.80 -3.38
N GLU B 54 -26.88 -15.58 -3.86
CA GLU B 54 -27.89 -14.93 -3.02
C GLU B 54 -28.17 -15.75 -1.77
N SER B 55 -28.21 -17.08 -1.91
CA SER B 55 -28.48 -17.91 -0.74
C SER B 55 -27.36 -17.78 0.29
N LEU B 56 -26.10 -17.73 -0.17
CA LEU B 56 -24.99 -17.53 0.77
C LEU B 56 -25.10 -16.17 1.45
N VAL B 57 -25.40 -15.14 0.68
CA VAL B 57 -25.51 -13.80 1.27
C VAL B 57 -26.64 -13.77 2.29
N ARG B 58 -27.81 -14.35 1.95
CA ARG B 58 -28.92 -14.38 2.90
C ARG B 58 -28.51 -15.06 4.21
N GLN B 59 -27.76 -16.17 4.12
CA GLN B 59 -27.32 -16.86 5.32
C GLN B 59 -26.38 -15.96 6.14
N LEU B 60 -25.45 -15.28 5.48
CA LEU B 60 -24.52 -14.41 6.18
C LEU B 60 -25.23 -13.23 6.84
N LEU B 61 -26.33 -12.74 6.26
CA LEU B 61 -27.08 -11.69 6.92
C LEU B 61 -27.71 -12.17 8.23
N THR B 62 -27.89 -13.49 8.41
CA THR B 62 -28.36 -14.02 9.68
C THR B 62 -27.24 -14.27 10.67
N GLN B 63 -25.99 -14.03 10.28
CA GLN B 63 -24.83 -14.24 11.15
C GLN B 63 -24.11 -12.93 11.41
N GLN B 64 -24.87 -11.84 11.53
CA GLN B 64 -24.35 -10.56 11.98
C GLN B 64 -23.46 -9.88 10.94
N TYR B 65 -23.77 -10.08 9.67
CA TYR B 65 -23.28 -9.23 8.59
C TYR B 65 -24.45 -8.41 8.08
N HIS B 66 -24.15 -7.23 7.54
CA HIS B 66 -25.17 -6.43 6.89
C HIS B 66 -24.66 -6.06 5.51
N LEU B 67 -25.61 -5.82 4.62
CA LEU B 67 -25.30 -5.62 3.22
C LEU B 67 -25.01 -4.14 3.02
N LEU B 68 -23.78 -3.81 2.64
CA LEU B 68 -23.43 -2.42 2.37
C LEU B 68 -23.67 -2.06 0.91
N ALA B 69 -23.41 -2.98 -0.01
CA ALA B 69 -23.57 -2.69 -1.42
C ALA B 69 -23.56 -3.99 -2.19
N SER B 70 -24.22 -3.99 -3.33
CA SER B 70 -24.15 -5.11 -4.25
C SER B 70 -23.77 -4.58 -5.62
N VAL B 71 -22.88 -5.31 -6.28
CA VAL B 71 -22.40 -4.96 -7.62
C VAL B 71 -23.16 -5.84 -8.59
N GLU B 72 -24.08 -5.21 -9.31
CA GLU B 72 -24.88 -5.87 -10.34
C GLU B 72 -24.23 -5.60 -11.69
N GLN B 73 -24.50 -6.48 -12.63
CA GLN B 73 -23.94 -6.32 -13.96
C GLN B 73 -24.87 -6.96 -14.96
N ASP B 74 -24.84 -6.44 -16.19
CA ASP B 74 -25.69 -6.93 -17.27
C ASP B 74 -24.97 -8.14 -17.85
N ALA B 75 -25.24 -9.33 -17.29
CA ALA B 75 -24.65 -10.60 -17.74
C ALA B 75 -25.49 -11.72 -17.14
N ALA B 76 -25.12 -12.95 -17.50
CA ALA B 76 -25.83 -14.13 -16.98
C ALA B 76 -25.73 -14.17 -15.46
N ARG B 77 -24.53 -13.99 -14.94
CA ARG B 77 -24.33 -13.76 -13.51
C ARG B 77 -24.61 -12.28 -13.25
N ARG B 78 -25.83 -11.94 -12.87
CA ARG B 78 -26.24 -10.56 -12.51
C ARG B 78 -25.55 -10.10 -11.21
N LEU B 79 -25.03 -11.01 -10.38
CA LEU B 79 -24.42 -10.61 -9.11
C LEU B 79 -22.90 -10.82 -9.16
N ALA B 80 -22.18 -9.73 -9.43
CA ALA B 80 -20.73 -9.82 -9.49
C ALA B 80 -20.11 -9.95 -8.11
N ALA B 81 -20.65 -9.23 -7.13
CA ALA B 81 -20.03 -9.10 -5.83
C ALA B 81 -21.00 -8.44 -4.86
N VAL B 82 -20.75 -8.66 -3.57
CA VAL B 82 -21.40 -7.90 -2.50
C VAL B 82 -20.32 -7.38 -1.55
N ARG B 83 -20.66 -6.30 -0.87
CA ARG B 83 -19.80 -5.64 0.11
C ARG B 83 -20.56 -5.79 1.43
N LEU B 84 -19.99 -6.43 2.41
CA LEU B 84 -20.66 -6.68 3.67
C LEU B 84 -19.89 -6.00 4.81
N GLY B 85 -20.61 -5.55 5.82
CA GLY B 85 -20.00 -4.99 7.00
C GLY B 85 -20.27 -5.87 8.20
N ALA B 86 -19.38 -5.81 9.18
CA ALA B 86 -19.64 -6.40 10.49
C ALA B 86 -20.64 -5.55 11.27
N THR B 87 -21.57 -6.21 11.96
CA THR B 87 -22.58 -5.49 12.74
C THR B 87 -22.12 -5.26 14.18
N ASN B 93 -16.60 -3.96 12.40
CA ASN B 93 -15.15 -3.84 12.25
C ASN B 93 -14.79 -3.39 10.83
N VAL B 94 -14.60 -4.35 9.91
CA VAL B 94 -14.11 -4.04 8.57
C VAL B 94 -15.03 -4.58 7.49
N VAL B 95 -14.97 -3.90 6.34
CA VAL B 95 -15.58 -4.35 5.10
C VAL B 95 -15.01 -5.67 4.61
N VAL B 96 -15.91 -6.55 4.18
CA VAL B 96 -15.56 -7.72 3.39
C VAL B 96 -16.29 -7.64 2.06
N ASP B 97 -15.53 -7.72 0.97
CA ASP B 97 -16.11 -7.89 -0.35
C ASP B 97 -16.08 -9.37 -0.71
N LEU B 98 -17.23 -9.92 -1.10
CA LEU B 98 -17.29 -11.28 -1.64
C LEU B 98 -17.47 -11.19 -3.14
N LEU B 99 -16.56 -11.80 -3.87
CA LEU B 99 -16.55 -11.75 -5.33
C LEU B 99 -17.05 -13.07 -5.90
N PHE B 100 -18.16 -13.02 -6.62
CA PHE B 100 -18.78 -14.20 -7.20
C PHE B 100 -18.57 -14.30 -8.70
N ALA B 101 -18.64 -13.17 -9.41
CA ALA B 101 -18.64 -13.19 -10.87
C ALA B 101 -18.05 -11.89 -11.37
N SER B 102 -16.96 -11.45 -10.71
CA SER B 102 -16.27 -10.22 -11.06
C SER B 102 -15.27 -10.42 -12.19
N CYS B 103 -14.54 -11.53 -12.15
CA CYS B 103 -13.54 -11.82 -13.18
C CYS B 103 -13.84 -13.05 -14.01
N GLY B 104 -14.79 -13.90 -13.60
CA GLY B 104 -15.21 -15.06 -14.36
C GLY B 104 -14.42 -16.33 -14.12
N ILE B 105 -13.33 -16.26 -13.36
CA ILE B 105 -12.53 -17.43 -13.03
C ILE B 105 -12.52 -17.69 -11.53
N GLU B 106 -13.54 -17.20 -10.82
CA GLU B 106 -13.65 -17.47 -9.40
C GLU B 106 -13.55 -18.95 -9.06
N PRO B 107 -14.18 -19.87 -9.80
CA PRO B 107 -14.00 -21.30 -9.47
C PRO B 107 -12.54 -21.75 -9.51
N GLU B 108 -11.80 -21.32 -10.54
CA GLU B 108 -10.40 -21.70 -10.64
C GLU B 108 -9.59 -21.09 -9.51
N ILE B 109 -9.90 -19.84 -9.17
CA ILE B 109 -9.17 -19.15 -8.09
C ILE B 109 -9.36 -19.89 -6.79
N ALA B 110 -10.60 -20.29 -6.48
CA ALA B 110 -10.82 -21.01 -5.23
C ALA B 110 -10.13 -22.38 -5.24
N GLU B 111 -10.22 -23.08 -6.37
CA GLU B 111 -9.68 -24.45 -6.54
C GLU B 111 -8.15 -24.49 -6.42
N ALA B 112 -7.46 -23.44 -6.89
CA ALA B 112 -6.02 -23.37 -6.91
C ALA B 112 -5.40 -22.72 -5.68
N ALA B 113 -6.22 -22.07 -4.86
CA ALA B 113 -5.71 -21.34 -3.72
C ALA B 113 -5.04 -22.29 -2.74
N GLU B 114 -4.06 -21.79 -2.02
CA GLU B 114 -3.23 -22.58 -1.14
C GLU B 114 -3.58 -22.23 0.30
N GLU B 115 -3.86 -23.23 1.12
CA GLU B 115 -4.13 -22.93 2.52
C GLU B 115 -2.86 -22.45 3.22
N ILE B 116 -2.94 -21.28 3.85
CA ILE B 116 -1.84 -20.72 4.62
C ILE B 116 -2.30 -20.53 6.06
N GLU B 117 -1.50 -21.00 7.01
CA GLU B 117 -1.72 -20.69 8.43
C GLU B 117 -1.11 -19.32 8.70
N ILE B 118 -1.95 -18.30 8.81
CA ILE B 118 -1.47 -16.93 8.95
C ILE B 118 -0.96 -16.67 10.35
N LEU B 119 -1.84 -16.87 11.33
CA LEU B 119 -1.55 -16.79 12.76
C LEU B 119 -2.18 -18.02 13.35
N PRO B 120 -1.87 -18.32 14.61
CA PRO B 120 -2.57 -19.43 15.28
C PRO B 120 -4.07 -19.29 15.15
N ASP B 121 -4.72 -20.38 14.75
CA ASP B 121 -6.18 -20.44 14.62
C ASP B 121 -6.69 -19.56 13.49
N LEU B 122 -5.81 -19.10 12.59
CA LEU B 122 -6.22 -18.33 11.42
C LEU B 122 -5.65 -19.00 10.18
N VAL B 123 -6.49 -19.73 9.46
CA VAL B 123 -6.07 -20.40 8.23
C VAL B 123 -6.99 -19.94 7.12
N ALA B 124 -6.40 -19.59 5.99
CA ALA B 124 -7.19 -19.15 4.87
C ALA B 124 -6.56 -19.65 3.58
N PRO B 125 -7.36 -20.13 2.63
CA PRO B 125 -6.85 -20.31 1.27
C PRO B 125 -6.51 -18.94 0.70
N VAL B 126 -5.32 -18.84 0.10
CA VAL B 126 -4.82 -17.60 -0.48
C VAL B 126 -4.58 -17.84 -1.97
N ALA B 127 -5.15 -16.96 -2.80
CA ALA B 127 -5.03 -17.11 -4.24
C ALA B 127 -3.58 -17.16 -4.67
N THR B 128 -3.32 -17.87 -5.78
CA THR B 128 -1.97 -17.94 -6.33
C THR B 128 -1.54 -16.59 -6.91
N THR B 129 -0.21 -16.41 -6.99
CA THR B 129 0.36 -15.25 -7.67
C THR B 129 -0.23 -15.08 -9.06
N ALA B 130 -0.31 -16.16 -9.82
CA ALA B 130 -0.78 -16.07 -11.20
C ALA B 130 -2.23 -15.58 -11.25
N HIS B 131 -3.09 -16.09 -10.36
CA HIS B 131 -4.47 -15.64 -10.37
C HIS B 131 -4.60 -14.20 -9.93
N LEU B 132 -3.80 -13.76 -8.97
CA LEU B 132 -3.81 -12.35 -8.60
C LEU B 132 -3.36 -11.46 -9.76
N ILE B 133 -2.36 -11.92 -10.51
CA ILE B 133 -1.93 -11.16 -11.69
C ILE B 133 -3.10 -11.00 -12.65
N ALA B 134 -3.78 -12.10 -12.95
CA ALA B 134 -4.93 -12.00 -13.85
C ALA B 134 -6.01 -11.06 -13.31
N MET B 135 -6.35 -11.18 -12.02
CA MET B 135 -7.37 -10.30 -11.46
C MET B 135 -6.94 -8.85 -11.55
N LYS B 136 -5.69 -8.58 -11.22
CA LYS B 136 -5.24 -7.20 -11.15
C LYS B 136 -5.06 -6.61 -12.54
N LEU B 137 -4.73 -7.44 -13.53
CA LEU B 137 -4.72 -6.95 -14.91
C LEU B 137 -6.12 -6.54 -15.34
N LEU B 138 -7.13 -7.39 -15.06
CA LEU B 138 -8.48 -7.03 -15.45
C LEU B 138 -8.95 -5.77 -14.73
N ALA B 139 -8.73 -5.70 -13.42
CA ALA B 139 -9.28 -4.61 -12.64
C ALA B 139 -8.55 -3.29 -12.88
N ARG B 140 -7.42 -3.31 -13.57
CA ARG B 140 -6.55 -2.14 -13.71
C ARG B 140 -7.35 -0.90 -14.07
N ASP B 141 -7.20 0.14 -13.26
CA ASP B 141 -7.98 1.35 -13.41
C ASP B 141 -7.43 2.45 -12.50
N ARG B 145 -9.28 3.06 -8.85
CA ARG B 145 -8.54 2.10 -8.04
C ARG B 145 -7.08 2.03 -8.47
N PRO B 146 -6.29 3.06 -8.13
CA PRO B 146 -4.92 3.13 -8.64
C PRO B 146 -3.99 2.09 -8.01
N GLN B 147 -4.36 1.56 -6.85
CA GLN B 147 -3.53 0.57 -6.18
C GLN B 147 -3.43 -0.73 -6.97
N ASP B 148 -4.30 -0.93 -7.96
CA ASP B 148 -4.21 -2.14 -8.76
C ASP B 148 -2.94 -2.17 -9.60
N ARG B 149 -2.55 -1.02 -10.16
CA ARG B 149 -1.33 -0.95 -10.95
C ARG B 149 -0.12 -1.29 -10.09
N SER B 150 -0.09 -0.76 -8.87
CA SER B 150 1.03 -1.03 -7.97
C SER B 150 1.04 -2.49 -7.54
N ASP B 151 -0.13 -3.05 -7.22
CA ASP B 151 -0.20 -4.47 -6.88
C ASP B 151 0.29 -5.31 -8.05
N LEU B 152 -0.15 -4.98 -9.25
CA LEU B 152 0.26 -5.74 -10.42
C LEU B 152 1.77 -5.69 -10.61
N ARG B 153 2.39 -4.54 -10.45
CA ARG B 153 3.84 -4.41 -10.62
C ARG B 153 4.56 -5.30 -9.61
N ALA B 154 4.13 -5.26 -8.37
CA ALA B 154 4.72 -6.08 -7.33
C ALA B 154 4.57 -7.56 -7.65
N LEU B 155 3.37 -7.98 -8.06
CA LEU B 155 3.15 -9.38 -8.37
C LEU B 155 4.04 -9.85 -9.51
N VAL B 156 4.14 -9.06 -10.58
CA VAL B 156 4.99 -9.43 -11.70
C VAL B 156 6.45 -9.51 -11.27
N ASP B 157 6.89 -8.57 -10.45
CA ASP B 157 8.27 -8.60 -9.97
C ASP B 157 8.54 -9.85 -9.13
N ALA B 158 7.53 -10.35 -8.42
CA ALA B 158 7.72 -11.56 -7.62
C ALA B 158 7.52 -12.84 -8.44
N ALA B 159 6.90 -12.75 -9.61
CA ALA B 159 6.43 -13.95 -10.30
C ALA B 159 7.57 -14.77 -10.87
N SER B 160 7.42 -16.10 -10.82
CA SER B 160 8.29 -17.02 -11.51
C SER B 160 7.89 -17.15 -12.97
N PRO B 161 8.78 -17.66 -13.82
CA PRO B 161 8.37 -17.96 -15.21
C PRO B 161 7.09 -18.78 -15.28
N GLN B 162 6.95 -19.78 -14.42
CA GLN B 162 5.72 -20.58 -14.42
C GLN B 162 4.51 -19.76 -13.98
N ASP B 163 4.68 -18.89 -12.98
CA ASP B 163 3.58 -18.01 -12.59
C ASP B 163 3.13 -17.17 -13.78
N ILE B 164 4.09 -16.69 -14.58
CA ILE B 164 3.75 -15.87 -15.73
C ILE B 164 2.93 -16.66 -16.73
N GLN B 165 3.35 -17.89 -17.03
CA GLN B 165 2.58 -18.69 -17.98
C GLN B 165 1.21 -19.03 -17.42
N ASP B 166 1.14 -19.34 -16.12
CA ASP B 166 -0.16 -19.63 -15.51
C ASP B 166 -1.09 -18.42 -15.56
N ALA B 167 -0.57 -17.21 -15.42
CA ALA B 167 -1.38 -15.99 -15.51
C ALA B 167 -1.95 -15.84 -16.91
N ARG B 168 -1.13 -16.14 -17.91
CA ARG B 168 -1.50 -16.08 -19.35
C ARG B 168 -2.73 -16.97 -19.55
N LYS B 169 -2.68 -18.21 -19.07
CA LYS B 169 -3.78 -19.20 -19.20
C LYS B 169 -5.02 -18.68 -18.46
N ALA B 170 -4.87 -18.11 -17.26
CA ALA B 170 -6.01 -17.57 -16.54
C ALA B 170 -6.65 -16.43 -17.31
N ILE B 171 -5.84 -15.56 -17.88
CA ILE B 171 -6.37 -14.44 -18.66
C ILE B 171 -7.08 -14.94 -19.92
N GLU B 172 -6.55 -15.99 -20.56
CA GLU B 172 -7.23 -16.57 -21.70
C GLU B 172 -8.63 -17.06 -21.30
N LEU B 173 -8.74 -17.61 -20.10
CA LEU B 173 -10.00 -18.15 -19.63
C LEU B 173 -11.00 -17.05 -19.30
N ILE B 174 -10.53 -15.94 -18.70
CA ILE B 174 -11.38 -14.77 -18.53
C ILE B 174 -11.99 -14.34 -19.87
N THR B 175 -11.15 -14.29 -20.90
CA THR B 175 -11.62 -13.84 -22.21
C THR B 175 -12.57 -14.87 -22.83
N LEU B 176 -12.23 -16.14 -22.77
CA LEU B 176 -13.12 -17.15 -23.33
C LEU B 176 -14.50 -17.10 -22.69
N ARG B 177 -14.60 -16.71 -21.42
CA ARG B 177 -15.89 -16.68 -20.75
C ARG B 177 -16.60 -15.33 -20.88
N GLY B 178 -16.00 -14.39 -21.60
CA GLY B 178 -16.66 -13.13 -21.86
C GLY B 178 -16.58 -12.10 -20.76
N PHE B 179 -15.63 -12.26 -19.83
CA PHE B 179 -15.44 -11.35 -18.70
C PHE B 179 -14.35 -10.33 -18.93
N HIS B 180 -13.88 -10.17 -20.17
CA HIS B 180 -12.73 -9.32 -20.43
C HIS B 180 -13.12 -7.88 -20.74
N ARG B 181 -14.38 -7.54 -20.61
CA ARG B 181 -14.91 -6.18 -20.81
C ARG B 181 -14.32 -5.60 -22.09
N ASP B 182 -14.33 -6.36 -23.16
CA ASP B 182 -13.96 -5.92 -24.50
C ASP B 182 -12.52 -5.43 -24.58
N ARG B 183 -11.67 -5.92 -23.71
CA ARG B 183 -10.26 -5.54 -23.75
C ARG B 183 -9.44 -6.70 -24.26
N ASP B 184 -8.28 -6.42 -24.81
CA ASP B 184 -7.33 -7.43 -25.27
C ASP B 184 -6.36 -7.68 -24.14
N LEU B 185 -6.81 -8.51 -23.19
CA LEU B 185 -5.97 -8.81 -22.04
C LEU B 185 -4.70 -9.52 -22.48
N ALA B 186 -4.78 -10.34 -23.52
CA ALA B 186 -3.58 -11.04 -23.99
C ALA B 186 -2.52 -10.04 -24.41
N ALA B 187 -2.93 -9.00 -25.14
CA ALA B 187 -1.98 -7.98 -25.55
C ALA B 187 -1.44 -7.24 -24.33
N GLU B 188 -2.32 -6.90 -23.39
CA GLU B 188 -1.87 -6.21 -22.17
C GLU B 188 -0.88 -7.09 -21.40
N TRP B 189 -1.13 -8.40 -21.37
CA TRP B 189 -0.21 -9.30 -20.68
C TRP B 189 1.14 -9.38 -21.37
N THR B 190 1.18 -9.32 -22.71
CA THR B 190 2.48 -9.36 -23.37
C THR B 190 3.36 -8.21 -22.91
N ARG B 191 2.77 -7.08 -22.55
CA ARG B 191 3.54 -5.91 -22.15
C ARG B 191 4.06 -6.03 -20.73
N LEU B 192 3.33 -6.69 -19.84
CA LEU B 192 3.81 -6.87 -18.47
C LEU B 192 4.92 -7.91 -18.41
N ALA C 1 8.34 -21.99 12.34
CA ALA C 1 8.02 -22.50 11.02
C ALA C 1 6.78 -21.79 10.45
N VAL C 2 6.84 -20.46 10.47
CA VAL C 2 5.86 -19.62 9.78
C VAL C 2 6.38 -19.42 8.36
N SER C 3 5.53 -19.67 7.37
CA SER C 3 5.95 -19.53 5.99
C SER C 3 6.21 -18.08 5.63
N VAL C 4 6.95 -17.87 4.54
CA VAL C 4 7.23 -16.51 4.06
C VAL C 4 5.93 -15.78 3.74
N ALA C 5 5.01 -16.47 3.04
CA ALA C 5 3.71 -15.85 2.75
C ALA C 5 3.00 -15.46 4.04
N ALA C 6 3.00 -16.35 5.03
CA ALA C 6 2.37 -16.01 6.30
C ALA C 6 3.09 -14.86 6.99
N GLN C 7 4.43 -14.82 6.90
CA GLN C 7 5.17 -13.70 7.49
C GLN C 7 4.76 -12.38 6.84
N LYS C 8 4.62 -12.38 5.53
CA LYS C 8 4.26 -11.16 4.78
C LYS C 8 2.83 -10.74 5.12
N LEU C 9 1.92 -11.69 5.29
CA LEU C 9 0.50 -11.41 5.62
C LEU C 9 0.44 -10.87 7.05
N ARG C 10 1.25 -11.39 7.96
CA ARG C 10 1.30 -10.90 9.35
C ARG C 10 1.85 -9.46 9.34
N LEU C 11 2.83 -9.17 8.50
CA LEU C 11 3.31 -7.79 8.39
C LEU C 11 2.21 -6.87 7.86
N ALA C 12 1.45 -7.33 6.86
CA ALA C 12 0.36 -6.49 6.35
C ALA C 12 -0.70 -6.24 7.42
N LEU C 13 -0.96 -7.20 8.30
CA LEU C 13 -1.89 -6.93 9.39
C LEU C 13 -1.33 -5.85 10.32
N ASP C 14 -0.03 -5.92 10.62
CA ASP C 14 0.60 -4.85 11.40
C ASP C 14 0.49 -3.51 10.66
N MET C 15 0.65 -3.50 9.36
CA MET C 15 0.56 -2.26 8.57
C MET C 15 -0.86 -1.70 8.71
N TYR C 16 -1.89 -2.56 8.66
CA TYR C 16 -3.26 -2.05 8.79
C TYR C 16 -3.40 -1.33 10.13
N GLU C 17 -2.94 -1.94 11.20
CA GLU C 17 -3.12 -1.35 12.51
C GLU C 17 -2.45 0.01 12.60
N VAL C 18 -1.23 0.14 12.07
CA VAL C 18 -0.54 1.43 12.03
C VAL C 18 -1.33 2.43 11.19
N GLY C 19 -1.83 2.02 10.03
CA GLY C 19 -2.57 2.95 9.20
C GLY C 19 -3.84 3.42 9.86
N GLU C 20 -4.54 2.52 10.55
CA GLU C 20 -5.71 2.92 11.31
C GLU C 20 -5.35 3.95 12.38
N GLN C 21 -4.26 3.72 13.10
CA GLN C 21 -3.85 4.68 14.13
C GLN C 21 -3.45 6.00 13.51
N MET C 22 -2.77 5.97 12.37
CA MET C 22 -2.43 7.22 11.71
C MET C 22 -3.65 8.00 11.26
N GLN C 23 -4.65 7.29 10.71
CA GLN C 23 -5.90 7.93 10.33
C GLN C 23 -6.58 8.55 11.56
N ARG C 24 -6.59 7.82 12.68
CA ARG C 24 -7.18 8.34 13.90
C ARG C 24 -6.49 9.61 14.38
N MET C 25 -5.14 9.62 14.38
CA MET C 25 -4.43 10.84 14.79
C MET C 25 -4.74 11.98 13.85
N ARG C 26 -4.78 11.71 12.54
CA ARG C 26 -5.05 12.80 11.60
C ARG C 26 -6.44 13.36 11.78
N LEU C 27 -7.44 12.48 11.92
CA LEU C 27 -8.80 12.95 12.12
C LEU C 27 -8.89 13.80 13.39
N GLY C 28 -8.14 13.43 14.42
CA GLY C 28 -8.14 14.22 15.63
C GLY C 28 -7.59 15.61 15.39
N ARG C 29 -6.56 15.72 14.57
CA ARG C 29 -6.02 17.04 14.21
C ARG C 29 -7.01 17.82 13.38
N GLU C 30 -7.60 17.18 12.37
CA GLU C 30 -8.49 17.89 11.47
C GLU C 30 -9.80 18.28 12.16
N ARG C 31 -10.13 17.63 13.28
CA ARG C 31 -11.40 17.84 13.99
C ARG C 31 -11.07 17.93 15.47
N PRO C 32 -10.38 18.99 15.85
CA PRO C 32 -9.85 19.09 17.23
C PRO C 32 -10.93 19.11 18.28
N ASN C 33 -12.13 19.60 17.96
CA ASN C 33 -13.21 19.65 18.92
C ASN C 33 -14.08 18.40 18.90
N ALA C 34 -13.58 17.31 18.31
CA ALA C 34 -14.33 16.07 18.20
C ALA C 34 -14.01 15.17 19.39
N ASP C 35 -15.06 14.64 20.01
CA ASP C 35 -14.86 13.72 21.13
C ASP C 35 -14.47 12.33 20.62
N VAL C 36 -13.90 11.55 21.53
CA VAL C 36 -13.48 10.18 21.23
C VAL C 36 -14.53 9.39 20.45
N VAL C 37 -15.79 9.47 20.87
CA VAL C 37 -16.82 8.69 20.20
C VAL C 37 -16.99 9.18 18.77
N GLU C 38 -16.92 10.50 18.56
CA GLU C 38 -17.04 11.04 17.22
C GLU C 38 -15.86 10.59 16.35
N ILE C 39 -14.66 10.57 16.92
CA ILE C 39 -13.52 10.11 16.13
C ILE C 39 -13.67 8.64 15.76
N GLU C 40 -14.09 7.81 16.71
CA GLU C 40 -14.27 6.39 16.42
C GLU C 40 -15.37 6.20 15.38
N ALA C 41 -16.44 7.00 15.47
CA ALA C 41 -17.47 6.97 14.44
C ALA C 41 -16.88 7.33 13.09
N ALA C 42 -16.01 8.33 13.04
CA ALA C 42 -15.34 8.67 11.79
C ALA C 42 -14.43 7.52 11.34
N ILE C 43 -13.76 6.84 12.28
CA ILE C 43 -12.91 5.72 11.90
C ILE C 43 -13.75 4.60 11.29
N ASP C 44 -14.92 4.37 11.87
CA ASP C 44 -15.82 3.30 11.39
C ASP C 44 -16.35 3.64 10.01
N ALA C 45 -16.67 4.88 9.75
CA ALA C 45 -17.14 5.31 8.43
C ALA C 45 -16.04 5.10 7.41
N TRP C 46 -14.81 5.32 7.83
CA TRP C 46 -13.62 5.26 6.97
C TRP C 46 -13.46 3.87 6.37
N ARG C 47 -13.48 2.84 7.20
CA ARG C 47 -13.38 1.45 6.70
C ARG C 47 -14.49 1.19 5.67
N MET C 48 -15.70 1.61 5.92
CA MET C 48 -16.85 1.23 5.09
C MET C 48 -16.75 1.82 3.69
N THR C 49 -16.02 2.88 3.50
CA THR C 49 -15.91 3.52 2.19
C THR C 49 -15.01 2.66 1.29
N ARG C 50 -15.26 2.60 -0.03
CA ARG C 50 -14.45 1.87 -1.02
C ARG C 50 -13.06 2.49 -1.19
N PRO C 51 -12.12 1.82 -1.90
CA PRO C 51 -10.78 2.40 -2.10
C PRO C 51 -10.82 3.84 -2.58
#